data_3DAD
#
_entry.id   3DAD
#
_cell.length_a   35.444
_cell.length_b   73.931
_cell.length_c   78.674
_cell.angle_alpha   78.24
_cell.angle_beta   86.17
_cell.angle_gamma   89.67
#
_symmetry.space_group_name_H-M   'P 1'
#
loop_
_entity.id
_entity.type
_entity.pdbx_description
1 polymer 'FH1/FH2 domain-containing protein 1'
2 water water
#
_entity_poly.entity_id   1
_entity_poly.type   'polypeptide(L)'
_entity_poly.pdbx_seq_one_letter_code
;MAGGEDRGDGEPVSVVTVRVQYLEDTDPFASANFPEPRRAPTCSLDGALPLGAQIPAVHRLLGAPLKLEDSALQVSPSGY
YLDTELSLEEQREMLEGFYEEISKGRKPTLILRTQLSVRVNAILEKLYSSSGPELRRSLFSLKQIFQEDKDLVPEFVHSE
GLSCLIRVGAAADHNYQSYILRALGQLMLFVDGMLGVVAHSDTIQWLYTLCASLSRLVVKTALKLLLVFVEYSENNAPLF
IRAVNSVASTTGAPPWANLVSILEEKNGADPELLVYTVTLINKTLAALPDQDSFYDVTDALEQQGMEALVQRHLGTAGTD
VDLRTQLVLYENALKLEDG
;
_entity_poly.pdbx_strand_id   A,B
#
# COMPACT_ATOMS: atom_id res chain seq x y z
N SER A 14 18.23 -29.79 -5.41
CA SER A 14 18.97 -29.92 -6.71
C SER A 14 18.58 -28.82 -7.69
N VAL A 15 18.94 -29.02 -8.96
CA VAL A 15 18.62 -28.06 -9.99
C VAL A 15 17.41 -28.58 -10.75
N VAL A 16 16.55 -27.66 -11.18
CA VAL A 16 15.33 -28.03 -11.90
C VAL A 16 15.05 -27.19 -13.14
N THR A 17 14.57 -27.86 -14.19
CA THR A 17 14.24 -27.20 -15.45
C THR A 17 12.74 -27.11 -15.66
N VAL A 18 12.26 -25.93 -16.05
CA VAL A 18 10.84 -25.72 -16.26
C VAL A 18 10.54 -24.90 -17.53
N ARG A 19 9.25 -24.66 -17.76
CA ARG A 19 8.80 -23.89 -18.90
C ARG A 19 8.20 -22.59 -18.37
N VAL A 20 8.31 -21.51 -19.12
CA VAL A 20 7.79 -20.23 -18.64
C VAL A 20 7.03 -19.42 -19.68
N GLN A 21 5.92 -18.82 -19.27
CA GLN A 21 5.12 -18.00 -20.17
C GLN A 21 4.70 -16.73 -19.45
N TYR A 22 4.25 -15.75 -20.21
CA TYR A 22 3.84 -14.47 -19.63
C TYR A 22 2.33 -14.27 -19.69
N LEU A 23 1.74 -13.91 -18.56
CA LEU A 23 0.30 -13.70 -18.50
C LEU A 23 0.00 -12.23 -18.25
N GLU A 24 -0.74 -11.61 -19.14
CA GLU A 24 -1.09 -10.21 -19.00
C GLU A 24 -2.33 -9.92 -18.14
N ASP A 25 -2.15 -9.75 -16.84
CA ASP A 25 -3.30 -9.45 -15.97
C ASP A 25 -3.15 -8.11 -15.26
N THR A 26 -2.45 -7.20 -15.93
CA THR A 26 -2.22 -5.86 -15.40
C THR A 26 -3.53 -5.19 -14.99
N ASP A 27 -4.52 -5.26 -15.86
CA ASP A 27 -5.82 -4.66 -15.57
C ASP A 27 -6.84 -5.79 -15.48
N PRO A 28 -7.27 -6.12 -14.25
CA PRO A 28 -8.26 -7.19 -14.00
C PRO A 28 -9.56 -6.98 -14.76
N PHE A 29 -9.92 -5.72 -14.98
CA PHE A 29 -11.15 -5.41 -15.69
C PHE A 29 -10.97 -5.59 -17.20
N ALA A 30 -9.73 -5.84 -17.60
CA ALA A 30 -9.41 -6.04 -19.01
C ALA A 30 -9.95 -7.39 -19.49
N SER A 31 -9.99 -7.57 -20.80
CA SER A 31 -10.48 -8.81 -21.39
C SER A 31 -9.47 -9.95 -21.16
N ALA A 32 -9.96 -11.18 -21.29
CA ALA A 32 -9.11 -12.34 -21.09
C ALA A 32 -8.00 -12.44 -22.13
N ASN A 33 -6.78 -12.60 -21.63
CA ASN A 33 -5.60 -12.75 -22.48
C ASN A 33 -5.09 -14.17 -22.30
N PHE A 34 -4.47 -14.71 -23.34
CA PHE A 34 -3.95 -16.07 -23.27
C PHE A 34 -2.54 -16.04 -22.69
N PRO A 35 -2.00 -17.20 -22.34
CA PRO A 35 -0.66 -17.25 -21.79
C PRO A 35 0.34 -16.74 -22.84
N GLU A 36 0.34 -15.42 -23.00
CA GLU A 36 1.19 -14.65 -23.94
C GLU A 36 2.28 -15.36 -24.74
N PRO A 37 3.22 -16.03 -24.06
CA PRO A 37 4.29 -16.70 -24.78
C PRO A 37 3.89 -17.80 -25.74
N ARG A 38 3.76 -17.48 -27.02
CA ARG A 38 3.41 -18.48 -28.02
C ARG A 38 4.49 -19.54 -28.11
N ARG A 39 4.19 -20.73 -27.59
CA ARG A 39 5.16 -21.81 -27.60
C ARG A 39 5.75 -22.00 -26.21
N ALA A 40 6.33 -20.93 -25.68
CA ALA A 40 6.89 -20.97 -24.34
C ALA A 40 8.31 -21.46 -24.23
N PRO A 41 9.26 -20.56 -23.91
CA PRO A 41 10.67 -20.91 -23.77
C PRO A 41 10.94 -21.74 -22.51
N THR A 42 12.14 -22.28 -22.40
CA THR A 42 12.51 -23.08 -21.24
C THR A 42 13.57 -22.37 -20.42
N CYS A 43 13.56 -22.61 -19.11
CA CYS A 43 14.52 -22.00 -18.21
C CYS A 43 14.91 -23.02 -17.14
N SER A 44 16.16 -23.00 -16.72
CA SER A 44 16.64 -23.94 -15.71
C SER A 44 16.94 -23.26 -14.38
N LEU A 45 15.94 -23.26 -13.50
CA LEU A 45 16.05 -22.64 -12.18
C LEU A 45 16.75 -23.53 -11.18
N ASP A 46 17.25 -22.92 -10.10
CA ASP A 46 17.92 -23.68 -9.04
C ASP A 46 16.94 -23.86 -7.89
N GLY A 47 16.75 -25.11 -7.46
CA GLY A 47 15.82 -25.40 -6.38
C GLY A 47 16.17 -24.96 -4.97
N ALA A 48 17.45 -24.77 -4.66
CA ALA A 48 17.85 -24.38 -3.31
C ALA A 48 17.92 -22.87 -3.05
N LEU A 49 17.84 -22.07 -4.09
CA LEU A 49 17.91 -20.61 -3.92
C LEU A 49 16.55 -19.94 -4.08
N PRO A 50 16.27 -18.92 -3.24
CA PRO A 50 15.01 -18.15 -3.24
C PRO A 50 14.57 -17.70 -4.63
N LEU A 51 13.29 -17.93 -4.94
CA LEU A 51 12.74 -17.56 -6.24
C LEU A 51 12.91 -16.08 -6.57
N GLY A 52 12.74 -15.23 -5.57
CA GLY A 52 12.89 -13.80 -5.78
C GLY A 52 14.19 -13.44 -6.47
N ALA A 53 15.26 -14.18 -6.18
CA ALA A 53 16.55 -13.92 -6.78
C ALA A 53 16.64 -14.48 -8.19
N GLN A 54 15.65 -15.26 -8.61
CA GLN A 54 15.68 -15.86 -9.94
C GLN A 54 14.61 -15.37 -10.93
N ILE A 55 13.56 -14.75 -10.40
CA ILE A 55 12.49 -14.23 -11.26
C ILE A 55 13.03 -13.27 -12.33
N PRO A 56 14.06 -12.47 -12.01
CA PRO A 56 14.61 -11.54 -13.00
C PRO A 56 15.01 -12.25 -14.28
N ALA A 57 15.59 -13.44 -14.15
CA ALA A 57 16.00 -14.21 -15.31
C ALA A 57 14.78 -14.56 -16.14
N VAL A 58 13.69 -14.91 -15.47
CA VAL A 58 12.46 -15.26 -16.17
C VAL A 58 11.84 -14.03 -16.82
N HIS A 59 11.84 -12.92 -16.10
CA HIS A 59 11.30 -11.70 -16.65
C HIS A 59 12.10 -11.43 -17.93
N ARG A 60 13.40 -11.41 -17.77
CA ARG A 60 14.36 -11.17 -18.85
C ARG A 60 14.14 -12.12 -20.02
N LEU A 61 14.05 -13.41 -19.71
CA LEU A 61 13.84 -14.42 -20.73
C LEU A 61 12.61 -14.19 -21.59
N LEU A 62 11.61 -13.50 -21.03
CA LEU A 62 10.36 -13.24 -21.75
C LEU A 62 10.19 -11.78 -22.16
N GLY A 63 11.18 -10.95 -21.83
CA GLY A 63 11.08 -9.54 -22.17
C GLY A 63 9.68 -9.08 -21.80
N ALA A 64 9.08 -9.77 -20.83
CA ALA A 64 7.74 -9.51 -20.34
C ALA A 64 7.42 -8.05 -20.12
N PRO A 65 6.32 -7.57 -20.71
CA PRO A 65 5.90 -6.18 -20.56
C PRO A 65 5.21 -5.98 -19.22
N LEU A 66 5.98 -6.16 -18.15
CA LEU A 66 5.43 -6.03 -16.81
C LEU A 66 6.55 -5.65 -15.86
N LYS A 67 6.26 -4.73 -14.95
CA LYS A 67 7.27 -4.33 -13.98
C LYS A 67 7.73 -5.58 -13.23
N LEU A 68 8.99 -5.59 -12.80
CA LEU A 68 9.51 -6.73 -12.09
C LEU A 68 9.20 -6.59 -10.60
N GLU A 69 8.80 -5.39 -10.21
CA GLU A 69 8.44 -5.14 -8.81
C GLU A 69 7.04 -5.71 -8.57
N ASP A 70 6.27 -5.86 -9.65
CA ASP A 70 4.91 -6.36 -9.53
C ASP A 70 4.74 -7.79 -10.05
N SER A 71 5.83 -8.45 -10.40
CA SER A 71 5.73 -9.79 -10.93
C SER A 71 5.56 -10.88 -9.90
N ALA A 72 5.04 -12.01 -10.35
CA ALA A 72 4.81 -13.15 -9.48
C ALA A 72 4.89 -14.41 -10.33
N LEU A 73 5.12 -15.55 -9.67
CA LEU A 73 5.21 -16.82 -10.35
C LEU A 73 4.13 -17.79 -9.88
N GLN A 74 3.32 -18.27 -10.81
CA GLN A 74 2.23 -19.19 -10.50
C GLN A 74 2.33 -20.45 -11.37
N VAL A 75 2.18 -21.62 -10.75
CA VAL A 75 2.26 -22.86 -11.51
C VAL A 75 0.99 -22.99 -12.36
N SER A 76 1.15 -23.47 -13.59
CA SER A 76 0.02 -23.61 -14.51
C SER A 76 -0.96 -24.74 -14.16
N PRO A 77 -0.43 -25.83 -13.64
CA PRO A 77 -1.30 -26.96 -13.30
C PRO A 77 -2.23 -26.64 -12.13
N SER A 78 -1.67 -26.25 -11.01
CA SER A 78 -2.43 -25.97 -9.79
C SER A 78 -2.90 -24.55 -9.50
N GLY A 79 -2.31 -23.55 -10.14
CA GLY A 79 -2.71 -22.18 -9.89
C GLY A 79 -2.05 -21.65 -8.61
N TYR A 80 -1.27 -22.50 -7.95
CA TYR A 80 -0.59 -22.14 -6.71
C TYR A 80 0.44 -21.03 -6.92
N TYR A 81 0.42 -20.02 -6.05
CA TYR A 81 1.37 -18.92 -6.16
C TYR A 81 2.60 -19.16 -5.30
N LEU A 82 3.75 -19.25 -5.96
CA LEU A 82 5.02 -19.49 -5.28
C LEU A 82 5.38 -18.31 -4.36
N ASP A 83 5.88 -18.63 -3.17
CA ASP A 83 6.29 -17.62 -2.21
C ASP A 83 7.69 -17.18 -2.65
N THR A 84 7.74 -16.08 -3.40
CA THR A 84 8.99 -15.56 -3.94
C THR A 84 10.14 -15.41 -2.96
N GLU A 85 9.87 -15.55 -1.66
CA GLU A 85 10.94 -15.40 -0.68
C GLU A 85 11.62 -16.72 -0.32
N LEU A 86 11.03 -17.83 -0.74
CA LEU A 86 11.61 -19.13 -0.44
C LEU A 86 12.01 -19.89 -1.69
N SER A 87 12.84 -20.91 -1.52
CA SER A 87 13.27 -21.72 -2.64
C SER A 87 12.13 -22.64 -3.08
N LEU A 88 12.29 -23.25 -4.25
CA LEU A 88 11.29 -24.16 -4.78
C LEU A 88 11.08 -25.31 -3.80
N GLU A 89 12.16 -25.75 -3.19
CA GLU A 89 12.09 -26.86 -2.26
C GLU A 89 11.68 -26.48 -0.85
N GLU A 90 11.97 -25.25 -0.43
CA GLU A 90 11.58 -24.82 0.91
C GLU A 90 10.05 -24.89 1.01
N GLN A 91 9.40 -24.94 -0.14
CA GLN A 91 7.95 -25.00 -0.22
C GLN A 91 7.51 -26.13 -1.12
N ARG A 92 8.22 -27.25 -1.06
CA ARG A 92 7.89 -28.41 -1.89
C ARG A 92 6.58 -29.04 -1.44
N GLU A 93 6.22 -28.83 -0.18
CA GLU A 93 4.97 -29.35 0.38
C GLU A 93 3.81 -29.04 -0.55
N MET A 94 3.99 -28.03 -1.40
CA MET A 94 2.95 -27.65 -2.36
C MET A 94 3.36 -28.14 -3.75
N GLY A 97 3.61 -32.11 -4.84
CA GLY A 97 3.00 -32.63 -6.05
C GLY A 97 3.50 -31.92 -7.29
N PHE A 98 4.27 -30.85 -7.10
CA PHE A 98 4.82 -30.07 -8.22
C PHE A 98 5.83 -30.82 -9.08
N TYR A 99 6.68 -31.63 -8.45
CA TYR A 99 7.69 -32.37 -9.17
C TYR A 99 7.17 -33.54 -10.02
N GLU A 100 5.86 -33.59 -10.24
CA GLU A 100 5.30 -34.67 -11.03
C GLU A 100 5.91 -34.70 -12.43
N GLU A 101 5.78 -33.61 -13.18
CA GLU A 101 6.33 -33.56 -14.54
C GLU A 101 7.85 -33.69 -14.56
N ILE A 102 8.53 -32.92 -13.71
CA ILE A 102 9.98 -32.97 -13.65
C ILE A 102 10.40 -34.43 -13.51
N SER A 103 9.98 -35.04 -12.40
CA SER A 103 10.28 -36.44 -12.12
C SER A 103 9.49 -37.35 -13.06
N LYS A 104 9.49 -37.00 -14.34
CA LYS A 104 8.80 -37.77 -15.36
C LYS A 104 9.32 -37.32 -16.72
N GLY A 105 10.55 -36.81 -16.71
CA GLY A 105 11.19 -36.36 -17.94
C GLY A 105 10.43 -35.26 -18.66
N ARG A 106 9.52 -34.61 -17.95
CA ARG A 106 8.73 -33.54 -18.55
C ARG A 106 9.04 -32.26 -17.79
N LYS A 107 8.80 -31.12 -18.43
CA LYS A 107 9.09 -29.84 -17.80
C LYS A 107 7.83 -29.07 -17.39
N PRO A 108 7.61 -28.93 -16.07
CA PRO A 108 6.43 -28.21 -15.56
C PRO A 108 6.41 -26.76 -16.06
N THR A 109 5.21 -26.22 -16.28
CA THR A 109 5.06 -24.85 -16.76
C THR A 109 4.88 -23.85 -15.61
N LEU A 110 5.38 -22.64 -15.82
CA LEU A 110 5.30 -21.58 -14.83
C LEU A 110 4.77 -20.33 -15.52
N ILE A 111 3.97 -19.55 -14.80
CA ILE A 111 3.43 -18.34 -15.37
C ILE A 111 3.83 -17.09 -14.59
N LEU A 112 4.29 -16.10 -15.33
CA LEU A 112 4.71 -14.84 -14.78
C LEU A 112 3.56 -13.88 -14.95
N ARG A 113 3.05 -13.35 -13.85
CA ARG A 113 1.93 -12.42 -13.90
C ARG A 113 2.00 -11.46 -12.74
N THR A 114 1.16 -10.42 -12.79
CA THR A 114 1.09 -9.42 -11.75
C THR A 114 0.78 -10.05 -10.38
N GLN A 115 1.38 -9.50 -9.32
CA GLN A 115 1.15 -10.01 -7.98
C GLN A 115 -0.31 -9.82 -7.61
N LEU A 116 -0.78 -10.67 -6.70
CA LEU A 116 -2.17 -10.60 -6.25
C LEU A 116 -2.43 -9.23 -5.65
N SER A 117 -1.47 -8.71 -4.91
CA SER A 117 -1.65 -7.41 -4.29
C SER A 117 -1.81 -6.25 -5.26
N VAL A 118 -1.06 -6.27 -6.35
CA VAL A 118 -1.14 -5.19 -7.34
C VAL A 118 -2.47 -5.16 -8.09
N ARG A 119 -3.00 -6.33 -8.39
CA ARG A 119 -4.28 -6.43 -9.09
C ARG A 119 -5.39 -5.90 -8.20
N VAL A 120 -5.28 -6.18 -6.91
CA VAL A 120 -6.27 -5.69 -5.95
C VAL A 120 -6.20 -4.17 -5.85
N ASN A 121 -4.97 -3.62 -5.80
CA ASN A 121 -4.84 -2.15 -5.72
C ASN A 121 -5.44 -1.55 -6.99
N ALA A 122 -5.39 -2.29 -8.09
CA ALA A 122 -5.96 -1.80 -9.35
C ALA A 122 -7.49 -1.82 -9.31
N ILE A 123 -8.07 -2.89 -8.76
CA ILE A 123 -9.53 -2.99 -8.66
C ILE A 123 -10.05 -1.85 -7.77
N LEU A 124 -9.41 -1.67 -6.64
CA LEU A 124 -9.82 -0.62 -5.71
C LEU A 124 -9.72 0.78 -6.33
N GLU A 125 -8.71 0.99 -7.15
CA GLU A 125 -8.55 2.29 -7.78
C GLU A 125 -9.61 2.52 -8.84
N LYS A 126 -9.94 1.45 -9.57
CA LYS A 126 -10.94 1.57 -10.62
C LYS A 126 -12.31 1.91 -10.03
N LEU A 127 -12.70 1.19 -8.98
CA LEU A 127 -13.98 1.44 -8.34
C LEU A 127 -14.07 2.81 -7.69
N TYR A 128 -12.99 3.24 -7.04
CA TYR A 128 -12.97 4.54 -6.37
C TYR A 128 -12.91 5.73 -7.30
N SER A 129 -12.45 5.54 -8.53
CA SER A 129 -12.34 6.66 -9.47
C SER A 129 -13.30 6.63 -10.64
N SER A 130 -14.11 5.58 -10.75
CA SER A 130 -15.04 5.49 -11.87
C SER A 130 -16.42 6.05 -11.60
N SER A 131 -17.17 6.29 -12.67
CA SER A 131 -18.52 6.81 -12.58
C SER A 131 -19.21 6.43 -13.90
N GLY A 132 -20.54 6.49 -13.91
CA GLY A 132 -21.26 6.16 -15.12
C GLY A 132 -20.99 4.76 -15.66
N PRO A 133 -21.13 4.58 -16.99
CA PRO A 133 -20.91 3.29 -17.65
C PRO A 133 -19.66 2.55 -17.23
N GLU A 134 -18.57 3.29 -17.01
CA GLU A 134 -17.32 2.65 -16.62
C GLU A 134 -17.40 2.02 -15.24
N LEU A 135 -18.16 2.62 -14.34
CA LEU A 135 -18.32 2.07 -12.99
C LEU A 135 -19.25 0.87 -13.12
N ARG A 136 -20.39 1.09 -13.77
CA ARG A 136 -21.36 0.03 -13.97
C ARG A 136 -20.65 -1.22 -14.48
N ARG A 137 -19.81 -1.01 -15.50
CA ARG A 137 -19.06 -2.07 -16.13
C ARG A 137 -18.09 -2.77 -15.18
N SER A 138 -17.37 -1.98 -14.38
CA SER A 138 -16.40 -2.52 -13.45
C SER A 138 -17.03 -3.30 -12.29
N LEU A 139 -18.15 -2.78 -11.79
CA LEU A 139 -18.86 -3.45 -10.70
C LEU A 139 -19.41 -4.79 -11.17
N PHE A 140 -19.96 -4.80 -12.38
CA PHE A 140 -20.54 -6.02 -12.92
C PHE A 140 -19.46 -7.08 -13.08
N SER A 141 -18.29 -6.66 -13.53
CA SER A 141 -17.17 -7.59 -13.75
C SER A 141 -16.62 -8.22 -12.47
N LEU A 142 -16.83 -7.55 -11.35
CA LEU A 142 -16.33 -8.02 -10.07
C LEU A 142 -16.53 -9.50 -9.77
N LYS A 143 -17.77 -9.97 -9.88
CA LYS A 143 -18.06 -11.37 -9.62
C LYS A 143 -17.12 -12.31 -10.38
N GLN A 144 -17.04 -12.12 -11.69
CA GLN A 144 -16.17 -12.95 -12.53
C GLN A 144 -14.69 -12.87 -12.11
N ILE A 145 -14.23 -11.67 -11.78
CA ILE A 145 -12.85 -11.47 -11.35
C ILE A 145 -12.52 -12.31 -10.13
N PHE A 146 -13.39 -12.29 -9.12
CA PHE A 146 -13.16 -13.09 -7.92
C PHE A 146 -13.40 -14.56 -8.22
N GLN A 147 -14.29 -14.82 -9.17
CA GLN A 147 -14.59 -16.20 -9.51
C GLN A 147 -13.42 -16.83 -10.27
N GLU A 148 -12.80 -16.05 -11.14
CA GLU A 148 -11.69 -16.55 -11.95
C GLU A 148 -10.31 -16.38 -11.31
N ASP A 149 -10.28 -16.13 -10.00
CA ASP A 149 -9.03 -16.02 -9.27
C ASP A 149 -9.29 -15.83 -7.78
N LYS A 150 -9.75 -16.91 -7.15
CA LYS A 150 -10.08 -16.91 -5.74
C LYS A 150 -8.99 -16.30 -4.87
N ASP A 151 -7.74 -16.54 -5.22
CA ASP A 151 -6.63 -16.01 -4.43
C ASP A 151 -6.71 -14.49 -4.23
N LEU A 152 -7.49 -13.82 -5.07
CA LEU A 152 -7.66 -12.37 -4.94
C LEU A 152 -8.51 -11.99 -3.74
N VAL A 153 -9.36 -12.91 -3.28
CA VAL A 153 -10.24 -12.63 -2.16
C VAL A 153 -9.56 -12.31 -0.83
N PRO A 154 -8.67 -13.18 -0.35
CA PRO A 154 -8.03 -12.82 0.92
C PRO A 154 -7.25 -11.52 0.83
N GLU A 155 -6.78 -11.19 -0.37
CA GLU A 155 -6.04 -9.96 -0.59
C GLU A 155 -6.97 -8.76 -0.65
N PHE A 156 -8.12 -8.97 -1.29
CA PHE A 156 -9.12 -7.91 -1.40
C PHE A 156 -9.58 -7.53 0.00
N VAL A 157 -9.87 -8.54 0.81
CA VAL A 157 -10.32 -8.35 2.18
C VAL A 157 -9.29 -7.58 3.01
N HIS A 158 -8.07 -8.08 3.02
CA HIS A 158 -6.97 -7.47 3.77
C HIS A 158 -6.59 -6.07 3.30
N SER A 159 -7.08 -5.68 2.13
CA SER A 159 -6.78 -4.36 1.58
C SER A 159 -7.96 -3.40 1.72
N GLU A 160 -8.81 -3.66 2.71
CA GLU A 160 -9.99 -2.83 2.97
C GLU A 160 -10.94 -2.81 1.77
N GLY A 161 -11.06 -3.96 1.11
CA GLY A 161 -11.92 -4.07 -0.05
C GLY A 161 -13.41 -3.91 0.22
N LEU A 162 -13.86 -4.50 1.33
CA LEU A 162 -15.27 -4.43 1.69
C LEU A 162 -15.71 -2.98 1.91
N SER A 163 -14.84 -2.18 2.51
CA SER A 163 -15.18 -0.80 2.77
C SER A 163 -15.43 -0.13 1.44
N CYS A 164 -14.53 -0.38 0.50
CA CYS A 164 -14.67 0.17 -0.83
C CYS A 164 -16.06 -0.18 -1.41
N LEU A 165 -16.42 -1.45 -1.33
CA LEU A 165 -17.70 -1.89 -1.84
C LEU A 165 -18.83 -1.09 -1.19
N ILE A 166 -18.79 -0.98 0.14
CA ILE A 166 -19.81 -0.23 0.84
C ILE A 166 -19.80 1.23 0.42
N ARG A 167 -18.60 1.83 0.38
CA ARG A 167 -18.49 3.24 0.02
C ARG A 167 -18.99 3.53 -1.40
N VAL A 168 -18.66 2.66 -2.33
CA VAL A 168 -19.09 2.84 -3.71
C VAL A 168 -20.56 2.44 -3.92
N GLY A 169 -21.12 1.65 -3.00
CA GLY A 169 -22.50 1.22 -3.17
C GLY A 169 -23.62 1.85 -2.34
N ALA A 170 -23.26 2.41 -1.19
CA ALA A 170 -24.25 3.00 -0.31
C ALA A 170 -25.23 3.95 -1.01
N ALA A 171 -24.72 4.78 -1.91
CA ALA A 171 -25.60 5.71 -2.61
C ALA A 171 -25.63 5.48 -4.12
N ALA A 172 -25.61 4.23 -4.54
CA ALA A 172 -25.61 3.91 -5.96
C ALA A 172 -26.94 3.36 -6.45
N ASP A 173 -27.08 3.33 -7.76
CA ASP A 173 -28.30 2.82 -8.38
C ASP A 173 -28.51 1.35 -8.05
N HIS A 174 -29.77 0.95 -7.96
CA HIS A 174 -30.13 -0.42 -7.65
C HIS A 174 -29.29 -1.45 -8.41
N ASN A 175 -29.03 -1.18 -9.70
CA ASN A 175 -28.23 -2.08 -10.51
C ASN A 175 -26.80 -2.20 -10.02
N TYR A 176 -26.22 -1.07 -9.59
CA TYR A 176 -24.86 -1.09 -9.08
C TYR A 176 -24.82 -1.87 -7.77
N GLN A 177 -25.75 -1.56 -6.88
CA GLN A 177 -25.80 -2.26 -5.60
C GLN A 177 -25.91 -3.75 -5.87
N SER A 178 -26.81 -4.13 -6.75
CA SER A 178 -26.97 -5.53 -7.08
C SER A 178 -25.68 -6.18 -7.56
N TYR A 179 -24.92 -5.46 -8.38
CA TYR A 179 -23.67 -6.01 -8.89
C TYR A 179 -22.72 -6.21 -7.72
N ILE A 180 -22.81 -5.31 -6.74
CA ILE A 180 -21.94 -5.41 -5.56
C ILE A 180 -22.34 -6.61 -4.71
N LEU A 181 -23.64 -6.83 -4.58
CA LEU A 181 -24.15 -7.97 -3.81
C LEU A 181 -23.75 -9.29 -4.46
N ARG A 182 -23.76 -9.32 -5.80
CA ARG A 182 -23.38 -10.51 -6.52
C ARG A 182 -21.91 -10.81 -6.23
N ALA A 183 -21.07 -9.77 -6.30
CA ALA A 183 -19.64 -9.95 -6.02
C ALA A 183 -19.48 -10.36 -4.57
N LEU A 184 -20.21 -9.70 -3.68
CA LEU A 184 -20.14 -10.00 -2.27
C LEU A 184 -20.52 -11.47 -2.03
N GLY A 185 -21.54 -11.95 -2.73
CA GLY A 185 -21.96 -13.33 -2.58
C GLY A 185 -20.90 -14.34 -3.02
N GLN A 186 -20.21 -13.99 -4.10
CA GLN A 186 -19.16 -14.82 -4.66
C GLN A 186 -17.99 -14.93 -3.69
N LEU A 187 -17.70 -13.81 -3.05
CA LEU A 187 -16.62 -13.68 -2.08
C LEU A 187 -16.92 -14.54 -0.86
N MET A 188 -18.19 -14.64 -0.51
CA MET A 188 -18.60 -15.41 0.66
C MET A 188 -18.63 -16.91 0.48
N LEU A 189 -18.26 -17.36 -0.72
CA LEU A 189 -18.22 -18.78 -1.01
C LEU A 189 -16.87 -19.32 -0.52
N PHE A 190 -15.94 -18.40 -0.24
CA PHE A 190 -14.60 -18.75 0.23
C PHE A 190 -14.46 -18.44 1.72
N VAL A 191 -13.84 -19.34 2.46
CA VAL A 191 -13.65 -19.14 3.89
C VAL A 191 -13.05 -17.78 4.19
N ASP A 192 -12.05 -17.39 3.40
CA ASP A 192 -11.39 -16.11 3.61
C ASP A 192 -12.36 -14.97 3.33
N GLY A 193 -13.33 -15.21 2.45
CA GLY A 193 -14.28 -14.16 2.15
C GLY A 193 -15.22 -14.02 3.33
N MET A 194 -15.75 -15.14 3.80
CA MET A 194 -16.66 -15.16 4.92
C MET A 194 -16.03 -14.47 6.12
N LEU A 195 -14.90 -15.01 6.56
CA LEU A 195 -14.19 -14.45 7.69
C LEU A 195 -14.01 -12.95 7.52
N GLY A 196 -13.79 -12.51 6.28
CA GLY A 196 -13.62 -11.09 6.04
C GLY A 196 -14.89 -10.34 6.39
N VAL A 197 -16.03 -10.89 6.01
CA VAL A 197 -17.31 -10.24 6.31
C VAL A 197 -17.60 -10.35 7.80
N VAL A 198 -17.25 -11.49 8.40
CA VAL A 198 -17.46 -11.73 9.81
C VAL A 198 -16.77 -10.63 10.60
N ALA A 199 -15.68 -10.11 10.05
CA ALA A 199 -14.96 -9.05 10.75
C ALA A 199 -15.36 -7.64 10.31
N HIS A 200 -16.04 -7.53 9.17
CA HIS A 200 -16.45 -6.22 8.66
C HIS A 200 -17.92 -5.90 8.95
N SER A 201 -18.16 -5.45 10.17
CA SER A 201 -19.49 -5.09 10.63
C SER A 201 -20.25 -4.16 9.70
N ASP A 202 -19.58 -3.17 9.12
CA ASP A 202 -20.30 -2.27 8.23
C ASP A 202 -20.98 -3.02 7.09
N THR A 203 -20.41 -4.16 6.68
CA THR A 203 -21.02 -4.92 5.59
C THR A 203 -22.36 -5.52 6.02
N ILE A 204 -22.41 -6.04 7.23
CA ILE A 204 -23.65 -6.65 7.71
C ILE A 204 -24.68 -5.55 7.91
N GLN A 205 -24.22 -4.39 8.38
CA GLN A 205 -25.11 -3.25 8.60
C GLN A 205 -25.69 -2.83 7.26
N TRP A 206 -24.82 -2.74 6.25
CA TRP A 206 -25.29 -2.37 4.92
C TRP A 206 -26.34 -3.37 4.42
N LEU A 207 -26.10 -4.66 4.60
CA LEU A 207 -27.07 -5.66 4.17
C LEU A 207 -28.45 -5.46 4.80
N TYR A 208 -28.48 -5.18 6.12
CA TYR A 208 -29.74 -4.97 6.79
C TYR A 208 -30.37 -3.71 6.21
N THR A 209 -29.56 -2.69 6.05
CA THR A 209 -30.03 -1.43 5.49
C THR A 209 -30.72 -1.70 4.14
N LEU A 210 -30.03 -2.44 3.26
CA LEU A 210 -30.57 -2.74 1.94
C LEU A 210 -31.90 -3.49 1.99
N CYS A 211 -32.27 -3.98 3.17
CA CYS A 211 -33.54 -4.69 3.25
C CYS A 211 -34.73 -3.72 3.15
N ALA A 212 -34.45 -2.43 3.35
CA ALA A 212 -35.50 -1.41 3.26
C ALA A 212 -35.49 -0.80 1.86
N SER A 213 -34.81 -1.46 0.93
CA SER A 213 -34.72 -0.97 -0.44
C SER A 213 -36.00 -1.14 -1.23
N LEU A 214 -36.24 -0.22 -2.16
CA LEU A 214 -37.42 -0.25 -3.02
C LEU A 214 -37.21 -1.28 -4.13
N SER A 215 -35.94 -1.63 -4.36
CA SER A 215 -35.62 -2.61 -5.38
C SER A 215 -35.77 -4.00 -4.78
N ARG A 216 -36.68 -4.79 -5.33
CA ARG A 216 -36.92 -6.15 -4.85
C ARG A 216 -35.73 -7.06 -5.06
N LEU A 217 -35.00 -6.84 -6.15
CA LEU A 217 -33.85 -7.67 -6.46
C LEU A 217 -32.80 -7.50 -5.37
N VAL A 218 -32.61 -6.26 -4.96
CA VAL A 218 -31.66 -5.92 -3.90
C VAL A 218 -32.11 -6.45 -2.54
N VAL A 219 -33.39 -6.35 -2.24
CA VAL A 219 -33.89 -6.85 -0.94
C VAL A 219 -33.79 -8.36 -0.88
N LYS A 220 -34.16 -9.02 -1.97
CA LYS A 220 -34.11 -10.48 -2.02
C LYS A 220 -32.66 -10.94 -1.90
N THR A 221 -31.77 -10.26 -2.60
CA THR A 221 -30.37 -10.63 -2.58
C THR A 221 -29.73 -10.40 -1.20
N ALA A 222 -30.06 -9.28 -0.57
CA ALA A 222 -29.54 -8.98 0.77
C ALA A 222 -29.96 -10.06 1.77
N LEU A 223 -31.25 -10.39 1.75
CA LEU A 223 -31.78 -11.42 2.64
C LEU A 223 -31.07 -12.77 2.52
N LYS A 224 -30.82 -13.21 1.29
CA LYS A 224 -30.14 -14.49 1.09
C LYS A 224 -28.69 -14.41 1.54
N LEU A 225 -28.07 -13.26 1.36
CA LEU A 225 -26.69 -13.08 1.79
C LEU A 225 -26.65 -13.12 3.32
N LEU A 226 -27.62 -12.49 3.97
CA LEU A 226 -27.67 -12.49 5.44
C LEU A 226 -27.94 -13.89 5.94
N LEU A 227 -28.77 -14.61 5.19
CA LEU A 227 -29.18 -15.97 5.49
C LEU A 227 -27.94 -16.88 5.41
N VAL A 228 -27.11 -16.66 4.40
CA VAL A 228 -25.90 -17.44 4.27
C VAL A 228 -24.97 -17.07 5.42
N PHE A 229 -24.98 -15.79 5.77
CA PHE A 229 -24.13 -15.28 6.84
C PHE A 229 -24.45 -15.97 8.15
N VAL A 230 -25.72 -15.95 8.53
CA VAL A 230 -26.13 -16.58 9.78
C VAL A 230 -25.94 -18.08 9.80
N GLU A 231 -26.21 -18.74 8.67
CA GLU A 231 -26.07 -20.19 8.58
C GLU A 231 -24.63 -20.71 8.64
N TYR A 232 -23.67 -19.91 8.22
CA TYR A 232 -22.28 -20.33 8.24
C TYR A 232 -21.80 -20.72 9.64
N SER A 233 -22.25 -19.99 10.64
CA SER A 233 -21.85 -20.24 12.01
C SER A 233 -22.77 -19.60 13.05
N GLU A 234 -23.02 -20.31 14.14
CA GLU A 234 -23.89 -19.81 15.19
C GLU A 234 -23.33 -18.52 15.76
N ASN A 235 -22.01 -18.34 15.67
CA ASN A 235 -21.39 -17.13 16.18
C ASN A 235 -21.75 -15.90 15.35
N ASN A 236 -22.32 -16.09 14.17
CA ASN A 236 -22.69 -14.97 13.33
C ASN A 236 -24.04 -14.34 13.69
N ALA A 237 -24.92 -15.10 14.35
CA ALA A 237 -26.23 -14.56 14.72
C ALA A 237 -26.10 -13.31 15.59
N PRO A 238 -25.32 -13.40 16.68
CA PRO A 238 -25.20 -12.20 17.52
C PRO A 238 -24.48 -11.05 16.80
N LEU A 239 -23.83 -11.37 15.68
CA LEU A 239 -23.16 -10.33 14.88
C LEU A 239 -24.21 -9.63 13.99
N PHE A 240 -25.19 -10.39 13.52
CA PHE A 240 -26.26 -9.86 12.68
C PHE A 240 -27.07 -8.94 13.61
N ILE A 241 -27.45 -9.47 14.77
CA ILE A 241 -28.20 -8.71 15.77
C ILE A 241 -27.52 -7.39 16.13
N ARG A 242 -26.23 -7.42 16.41
CA ARG A 242 -25.52 -6.19 16.74
C ARG A 242 -25.60 -5.22 15.54
N ALA A 243 -25.46 -5.75 14.32
CA ALA A 243 -25.54 -4.92 13.11
C ALA A 243 -26.92 -4.24 13.03
N VAL A 244 -27.98 -5.00 13.27
CA VAL A 244 -29.32 -4.46 13.22
C VAL A 244 -29.52 -3.36 14.28
N ASN A 245 -29.07 -3.61 15.51
CA ASN A 245 -29.21 -2.60 16.56
C ASN A 245 -28.33 -1.40 16.24
N SER A 246 -27.24 -1.62 15.53
CA SER A 246 -26.39 -0.47 15.23
C SER A 246 -27.07 0.42 14.20
N VAL A 247 -27.79 -0.19 13.27
CA VAL A 247 -28.48 0.60 12.27
C VAL A 247 -29.66 1.34 12.91
N ALA A 248 -30.32 0.70 13.86
CA ALA A 248 -31.44 1.36 14.54
C ALA A 248 -30.90 2.58 15.29
N SER A 249 -29.72 2.40 15.87
CA SER A 249 -29.08 3.48 16.61
C SER A 249 -28.79 4.65 15.70
N THR A 250 -28.21 4.35 14.55
CA THR A 250 -27.85 5.38 13.59
C THR A 250 -29.03 6.10 12.92
N THR A 251 -30.09 5.37 12.62
CA THR A 251 -31.25 5.96 11.96
C THR A 251 -32.37 6.35 12.90
N GLY A 252 -32.25 5.95 14.16
CA GLY A 252 -33.28 6.27 15.13
C GLY A 252 -34.52 5.40 14.99
N ALA A 253 -34.50 4.47 14.06
CA ALA A 253 -35.64 3.58 13.86
C ALA A 253 -35.60 2.40 14.81
N PRO A 254 -36.73 1.69 14.98
CA PRO A 254 -36.73 0.55 15.88
C PRO A 254 -36.01 -0.65 15.23
N PRO A 255 -35.16 -1.33 16.01
CA PRO A 255 -34.43 -2.48 15.47
C PRO A 255 -35.40 -3.49 14.84
N TRP A 256 -35.03 -4.03 13.69
CA TRP A 256 -35.84 -5.02 12.97
C TRP A 256 -36.97 -4.43 12.15
N ALA A 257 -37.07 -3.10 12.11
CA ALA A 257 -38.12 -2.44 11.34
C ALA A 257 -38.08 -2.84 9.86
N ASN A 258 -36.88 -2.97 9.30
CA ASN A 258 -36.76 -3.34 7.88
C ASN A 258 -37.28 -4.74 7.58
N LEU A 259 -37.21 -5.65 8.56
CA LEU A 259 -37.70 -7.00 8.33
C LEU A 259 -39.21 -7.05 8.51
N VAL A 260 -39.70 -6.33 9.52
CA VAL A 260 -41.13 -6.30 9.76
C VAL A 260 -41.79 -5.61 8.57
N SER A 261 -41.13 -4.57 8.07
CA SER A 261 -41.65 -3.82 6.94
C SER A 261 -41.91 -4.75 5.76
N ILE A 262 -40.98 -5.66 5.52
CA ILE A 262 -41.10 -6.62 4.42
C ILE A 262 -42.25 -7.59 4.67
N LEU A 263 -42.47 -7.95 5.93
CA LEU A 263 -43.53 -8.90 6.26
C LEU A 263 -44.93 -8.30 6.09
N GLU A 264 -45.00 -6.97 5.98
CA GLU A 264 -46.27 -6.29 5.81
C GLU A 264 -46.76 -6.28 4.36
N GLU A 265 -45.95 -6.83 3.46
CA GLU A 265 -46.25 -6.90 2.04
C GLU A 265 -46.84 -5.59 1.52
N LYS A 266 -46.05 -4.53 1.62
CA LYS A 266 -46.48 -3.20 1.18
C LYS A 266 -46.73 -3.08 -0.31
N ASN A 267 -45.99 -3.85 -1.10
CA ASN A 267 -46.12 -3.82 -2.56
C ASN A 267 -46.94 -5.01 -3.08
N GLY A 268 -47.76 -5.59 -2.21
CA GLY A 268 -48.58 -6.74 -2.61
C GLY A 268 -48.01 -8.08 -2.16
N ALA A 269 -48.78 -9.15 -2.37
CA ALA A 269 -48.35 -10.49 -1.98
C ALA A 269 -46.96 -10.82 -2.52
N ASP A 270 -46.12 -11.38 -1.66
CA ASP A 270 -44.76 -11.76 -2.05
C ASP A 270 -44.23 -12.84 -1.11
N PRO A 271 -44.90 -13.99 -1.08
CA PRO A 271 -44.49 -15.10 -0.20
C PRO A 271 -42.99 -15.42 -0.20
N GLU A 272 -42.36 -15.38 -1.38
CA GLU A 272 -40.94 -15.71 -1.49
C GLU A 272 -40.07 -14.90 -0.54
N LEU A 273 -40.34 -13.60 -0.44
CA LEU A 273 -39.57 -12.72 0.44
C LEU A 273 -39.93 -12.93 1.90
N LEU A 274 -41.16 -13.34 2.15
CA LEU A 274 -41.59 -13.57 3.53
C LEU A 274 -40.93 -14.84 4.05
N VAL A 275 -40.76 -15.81 3.16
CA VAL A 275 -40.14 -17.05 3.56
C VAL A 275 -38.70 -16.77 3.97
N TYR A 276 -37.97 -16.06 3.11
CA TYR A 276 -36.58 -15.69 3.39
C TYR A 276 -36.51 -14.96 4.71
N THR A 277 -37.35 -13.93 4.85
CA THR A 277 -37.38 -13.10 6.04
C THR A 277 -37.68 -13.85 7.33
N VAL A 278 -38.74 -14.66 7.33
CA VAL A 278 -39.09 -15.42 8.52
C VAL A 278 -38.03 -16.51 8.75
N THR A 279 -37.48 -17.09 7.69
CA THR A 279 -36.45 -18.11 7.88
C THR A 279 -35.23 -17.48 8.52
N LEU A 280 -34.94 -16.25 8.11
CA LEU A 280 -33.77 -15.52 8.63
C LEU A 280 -33.98 -15.19 10.10
N ILE A 281 -35.19 -14.78 10.46
CA ILE A 281 -35.46 -14.49 11.86
C ILE A 281 -35.37 -15.78 12.70
N ASN A 282 -36.00 -16.86 12.25
CA ASN A 282 -35.95 -18.13 12.98
C ASN A 282 -34.50 -18.60 13.19
N LYS A 283 -33.75 -18.69 12.10
CA LYS A 283 -32.35 -19.15 12.17
C LYS A 283 -31.50 -18.28 13.10
N THR A 284 -31.80 -17.00 13.15
CA THR A 284 -31.06 -16.10 14.02
C THR A 284 -31.39 -16.46 15.46
N LEU A 285 -32.68 -16.65 15.71
CA LEU A 285 -33.15 -17.00 17.04
C LEU A 285 -32.68 -18.41 17.46
N ALA A 286 -32.48 -19.29 16.49
CA ALA A 286 -32.02 -20.64 16.83
C ALA A 286 -30.60 -20.64 17.38
N ALA A 287 -29.76 -19.73 16.90
CA ALA A 287 -28.37 -19.69 17.34
C ALA A 287 -28.11 -19.02 18.68
N LEU A 288 -29.07 -18.24 19.17
CA LEU A 288 -28.89 -17.54 20.44
C LEU A 288 -28.75 -18.48 21.63
N PRO A 289 -27.66 -18.30 22.41
CA PRO A 289 -27.29 -19.06 23.61
C PRO A 289 -28.18 -18.83 24.83
N ASP A 290 -28.52 -17.57 25.10
CA ASP A 290 -29.36 -17.24 26.24
C ASP A 290 -30.74 -16.72 25.90
N GLN A 291 -31.67 -16.96 26.82
CA GLN A 291 -33.04 -16.56 26.67
C GLN A 291 -33.15 -15.05 26.50
N ASP A 292 -32.34 -14.31 27.26
CA ASP A 292 -32.35 -12.86 27.17
C ASP A 292 -32.21 -12.38 25.73
N SER A 293 -31.17 -12.81 25.04
CA SER A 293 -30.94 -12.40 23.66
C SER A 293 -32.12 -12.75 22.77
N PHE A 294 -32.71 -13.91 23.01
CA PHE A 294 -33.87 -14.36 22.24
C PHE A 294 -35.04 -13.39 22.41
N TYR A 295 -35.33 -13.02 23.66
CA TYR A 295 -36.43 -12.10 23.94
C TYR A 295 -36.18 -10.67 23.48
N ASP A 296 -34.91 -10.25 23.50
CA ASP A 296 -34.54 -8.91 23.02
C ASP A 296 -35.08 -8.78 21.60
N VAL A 297 -34.92 -9.83 20.81
CA VAL A 297 -35.36 -9.81 19.43
C VAL A 297 -36.86 -9.99 19.32
N THR A 298 -37.40 -11.03 19.94
CA THR A 298 -38.83 -11.27 19.82
C THR A 298 -39.71 -10.17 20.40
N ASP A 299 -39.27 -9.53 21.47
CA ASP A 299 -40.05 -8.45 22.08
C ASP A 299 -40.05 -7.24 21.16
N ALA A 300 -38.97 -7.06 20.40
CA ALA A 300 -38.89 -5.95 19.46
C ALA A 300 -39.87 -6.22 18.34
N LEU A 301 -39.88 -7.46 17.85
CA LEU A 301 -40.78 -7.83 16.77
C LEU A 301 -42.23 -7.72 17.23
N GLU A 302 -42.47 -8.14 18.47
CA GLU A 302 -43.80 -8.11 19.04
C GLU A 302 -44.33 -6.68 19.09
N GLN A 303 -43.48 -5.75 19.53
CA GLN A 303 -43.85 -4.35 19.64
C GLN A 303 -44.21 -3.71 18.30
N GLN A 304 -43.71 -4.29 17.22
CA GLN A 304 -44.00 -3.78 15.89
C GLN A 304 -45.06 -4.58 15.16
N GLY A 305 -45.86 -5.32 15.92
CA GLY A 305 -46.95 -6.08 15.33
C GLY A 305 -46.72 -7.50 14.81
N MET A 306 -45.62 -8.13 15.21
CA MET A 306 -45.33 -9.49 14.74
C MET A 306 -46.49 -10.46 14.99
N GLU A 307 -46.88 -10.59 16.25
CA GLU A 307 -47.97 -11.49 16.65
C GLU A 307 -49.16 -11.38 15.69
N ALA A 308 -49.68 -10.16 15.55
CA ALA A 308 -50.80 -9.92 14.65
C ALA A 308 -50.45 -10.39 13.24
N LEU A 309 -49.22 -10.14 12.82
CA LEU A 309 -48.76 -10.53 11.50
C LEU A 309 -48.82 -12.03 11.29
N VAL A 310 -48.29 -12.78 12.25
CA VAL A 310 -48.29 -14.23 12.15
C VAL A 310 -49.71 -14.81 12.06
N GLN A 311 -50.64 -14.27 12.84
CA GLN A 311 -52.02 -14.74 12.84
C GLN A 311 -52.66 -14.49 11.47
N ARG A 312 -52.61 -13.24 11.01
CA ARG A 312 -53.19 -12.88 9.73
C ARG A 312 -52.76 -13.85 8.63
N HIS A 313 -51.50 -14.26 8.66
CA HIS A 313 -50.97 -15.18 7.66
C HIS A 313 -51.34 -16.64 7.92
N LEU A 314 -51.59 -16.98 9.19
CA LEU A 314 -51.95 -18.35 9.52
C LEU A 314 -53.45 -18.57 9.41
N GLY A 315 -54.23 -17.51 9.61
CA GLY A 315 -55.67 -17.61 9.53
C GLY A 315 -56.17 -17.44 8.10
N THR A 316 -55.26 -17.65 7.16
CA THR A 316 -55.57 -17.51 5.73
C THR A 316 -55.18 -18.78 4.97
N ALA A 317 -56.13 -19.32 4.21
CA ALA A 317 -55.89 -20.53 3.44
C ALA A 317 -54.95 -20.30 2.26
N GLY A 318 -55.05 -19.12 1.64
CA GLY A 318 -54.19 -18.81 0.51
C GLY A 318 -52.71 -18.76 0.82
N THR A 319 -52.38 -18.87 2.11
CA THR A 319 -51.00 -18.83 2.57
C THR A 319 -50.13 -19.97 2.05
N ASP A 320 -48.98 -19.59 1.49
CA ASP A 320 -48.01 -20.52 0.93
C ASP A 320 -47.60 -21.57 1.97
N VAL A 321 -47.45 -22.81 1.52
CA VAL A 321 -47.05 -23.92 2.39
C VAL A 321 -45.74 -23.62 3.11
N ASP A 322 -44.72 -23.25 2.36
CA ASP A 322 -43.42 -22.94 2.93
C ASP A 322 -43.43 -21.82 3.97
N LEU A 323 -44.24 -20.79 3.72
CA LEU A 323 -44.35 -19.67 4.65
C LEU A 323 -45.02 -20.12 5.95
N ARG A 324 -46.16 -20.78 5.80
CA ARG A 324 -46.92 -21.29 6.93
C ARG A 324 -46.00 -22.10 7.84
N THR A 325 -45.17 -22.94 7.24
CA THR A 325 -44.25 -23.77 8.00
C THR A 325 -43.31 -22.92 8.85
N GLN A 326 -42.70 -21.92 8.22
CA GLN A 326 -41.79 -21.04 8.95
C GLN A 326 -42.51 -20.29 10.08
N LEU A 327 -43.73 -19.83 9.80
CA LEU A 327 -44.50 -19.10 10.80
C LEU A 327 -44.72 -19.99 12.01
N VAL A 328 -45.20 -21.22 11.78
CA VAL A 328 -45.43 -22.14 12.87
C VAL A 328 -44.14 -22.41 13.63
N LEU A 329 -43.02 -22.54 12.93
CA LEU A 329 -41.77 -22.76 13.65
C LEU A 329 -41.56 -21.57 14.55
N TYR A 330 -41.88 -20.38 14.04
CA TYR A 330 -41.71 -19.16 14.82
C TYR A 330 -42.59 -19.19 16.07
N GLU A 331 -43.88 -19.48 15.87
CA GLU A 331 -44.81 -19.51 16.97
C GLU A 331 -44.42 -20.62 17.97
N ASN A 332 -43.83 -21.69 17.46
CA ASN A 332 -43.41 -22.82 18.29
C ASN A 332 -42.18 -22.53 19.13
N ALA A 333 -41.20 -21.84 18.54
CA ALA A 333 -39.98 -21.48 19.26
C ALA A 333 -40.32 -20.60 20.46
N LEU A 334 -41.37 -19.80 20.29
CA LEU A 334 -41.83 -18.86 21.30
C LEU A 334 -42.50 -19.59 22.48
N LYS A 335 -43.31 -20.61 22.18
CA LYS A 335 -43.98 -21.39 23.23
C LYS A 335 -42.97 -22.08 24.13
N LEU A 336 -41.94 -22.70 23.53
CA LEU A 336 -40.92 -23.41 24.30
C LEU A 336 -40.17 -22.52 25.28
N GLU A 337 -39.89 -21.29 24.88
CA GLU A 337 -39.18 -20.37 25.76
C GLU A 337 -40.08 -19.84 26.86
N ASP A 338 -41.33 -19.57 26.52
CA ASP A 338 -42.27 -19.05 27.50
C ASP A 338 -42.57 -20.10 28.56
N GLY A 339 -42.85 -21.32 28.13
CA GLY A 339 -43.14 -22.38 29.10
C GLY A 339 -44.62 -22.69 29.22
N SER B 14 -18.49 31.92 5.58
CA SER B 14 -18.83 32.25 7.00
C SER B 14 -17.70 32.99 7.69
N VAL B 15 -18.04 33.76 8.71
CA VAL B 15 -17.05 34.52 9.45
C VAL B 15 -16.40 33.69 10.55
N VAL B 16 -15.43 32.86 10.16
CA VAL B 16 -14.72 32.00 11.09
C VAL B 16 -13.89 32.74 12.13
N THR B 17 -14.00 32.31 13.37
CA THR B 17 -13.24 32.89 14.49
C THR B 17 -12.17 31.88 14.89
N VAL B 18 -10.96 32.36 15.14
CA VAL B 18 -9.85 31.47 15.51
C VAL B 18 -8.89 32.07 16.53
N ARG B 19 -7.90 31.29 16.93
CA ARG B 19 -6.90 31.74 17.90
C ARG B 19 -5.55 31.80 17.20
N VAL B 20 -5.07 33.01 16.93
CA VAL B 20 -3.79 33.16 16.25
C VAL B 20 -2.64 33.29 17.24
N GLN B 21 -1.46 32.85 16.80
CA GLN B 21 -0.27 32.92 17.64
C GLN B 21 0.95 32.99 16.73
N TYR B 22 1.98 33.66 17.24
CA TYR B 22 3.20 33.83 16.49
C TYR B 22 4.23 32.77 16.81
N LEU B 23 5.06 32.45 15.82
CA LEU B 23 6.12 31.45 15.96
C LEU B 23 7.40 31.97 15.33
N GLU B 24 8.37 32.31 16.16
CA GLU B 24 9.66 32.81 15.71
C GLU B 24 10.45 31.66 15.12
N ASP B 25 10.87 31.78 13.86
CA ASP B 25 11.63 30.72 13.20
C ASP B 25 12.26 31.24 11.92
N THR B 26 13.03 32.31 12.05
CA THR B 26 13.69 32.94 10.92
C THR B 26 15.04 32.29 10.62
N ASP B 27 15.82 32.04 11.66
CA ASP B 27 17.13 31.41 11.51
C ASP B 27 16.99 29.91 11.82
N PRO B 28 16.85 29.08 10.77
CA PRO B 28 16.70 27.62 10.92
C PRO B 28 17.86 27.01 11.70
N PHE B 29 19.05 27.58 11.54
CA PHE B 29 20.24 27.07 12.22
C PHE B 29 20.35 27.58 13.65
N ALA B 30 19.23 28.03 14.21
CA ALA B 30 19.25 28.53 15.58
C ALA B 30 18.31 27.75 16.49
N SER B 31 18.54 27.87 17.79
CA SER B 31 17.72 27.20 18.80
C SER B 31 16.24 27.54 18.54
N ALA B 32 15.41 26.51 18.42
CA ALA B 32 13.99 26.71 18.16
C ALA B 32 13.27 27.38 19.33
N ASN B 33 13.08 28.71 19.23
CA ASN B 33 12.40 29.45 20.27
C ASN B 33 10.93 29.01 20.31
N PHE B 34 10.33 28.95 21.50
CA PHE B 34 8.94 28.52 21.59
C PHE B 34 8.00 29.61 21.11
N PRO B 35 6.71 29.27 20.89
CA PRO B 35 5.75 30.29 20.42
C PRO B 35 6.02 31.64 21.10
N GLU B 36 6.23 32.68 20.29
CA GLU B 36 6.55 34.02 20.77
C GLU B 36 5.49 34.74 21.58
N PRO B 37 4.23 34.43 21.33
CA PRO B 37 3.16 35.11 22.04
C PRO B 37 2.44 34.35 23.14
N ARG B 38 2.70 34.73 24.39
CA ARG B 38 2.06 34.11 25.53
C ARG B 38 0.55 34.33 25.47
N ARG B 39 -0.20 33.39 26.05
CA ARG B 39 -1.65 33.52 26.07
C ARG B 39 -2.31 33.36 24.72
N ALA B 40 -1.79 34.08 23.73
CA ALA B 40 -2.33 34.01 22.38
C ALA B 40 -3.67 34.68 22.24
N PRO B 41 -3.80 35.69 21.37
CA PRO B 41 -5.04 36.42 21.15
C PRO B 41 -6.04 35.62 20.33
N THR B 42 -6.99 36.31 19.71
CA THR B 42 -8.00 35.65 18.90
C THR B 42 -8.47 36.53 17.75
N CYS B 43 -8.69 35.92 16.59
CA CYS B 43 -9.14 36.65 15.39
C CYS B 43 -10.47 36.14 14.89
N SER B 44 -10.92 36.74 13.79
CA SER B 44 -12.16 36.37 13.17
C SER B 44 -12.03 36.60 11.67
N LEU B 45 -11.35 35.69 10.99
CA LEU B 45 -11.13 35.79 9.54
C LEU B 45 -12.42 35.47 8.76
N ASP B 46 -12.48 35.94 7.53
CA ASP B 46 -13.66 35.68 6.70
C ASP B 46 -13.34 34.53 5.76
N GLY B 47 -13.76 33.32 6.17
CA GLY B 47 -13.52 32.11 5.41
C GLY B 47 -13.69 32.15 3.90
N ALA B 48 -14.51 33.06 3.38
CA ALA B 48 -14.72 33.13 1.94
C ALA B 48 -13.69 33.97 1.17
N LEU B 49 -12.87 34.75 1.88
CA LEU B 49 -11.86 35.60 1.25
C LEU B 49 -10.45 35.07 1.43
N PRO B 50 -9.60 35.19 0.39
CA PRO B 50 -8.22 34.72 0.49
C PRO B 50 -7.51 35.22 1.74
N LEU B 51 -6.84 34.29 2.43
CA LEU B 51 -6.11 34.59 3.65
C LEU B 51 -5.08 35.69 3.46
N GLY B 52 -4.56 35.81 2.24
CA GLY B 52 -3.57 36.83 1.97
C GLY B 52 -4.07 38.23 2.25
N ALA B 53 -5.35 38.47 2.01
CA ALA B 53 -5.92 39.78 2.25
C ALA B 53 -6.32 39.95 3.72
N GLN B 54 -6.09 38.91 4.52
CA GLN B 54 -6.45 38.95 5.93
C GLN B 54 -5.30 38.72 6.89
N ILE B 55 -4.15 38.27 6.38
CA ILE B 55 -2.99 38.04 7.22
C ILE B 55 -2.45 39.33 7.83
N PRO B 56 -2.60 40.47 7.12
CA PRO B 56 -2.10 41.73 7.68
C PRO B 56 -2.67 41.99 9.07
N ALA B 57 -3.94 41.64 9.25
CA ALA B 57 -4.59 41.83 10.54
C ALA B 57 -3.87 40.96 11.58
N VAL B 58 -3.74 39.67 11.27
CA VAL B 58 -3.06 38.74 12.18
C VAL B 58 -1.69 39.28 12.51
N HIS B 59 -0.89 39.55 11.49
CA HIS B 59 0.46 40.09 11.65
C HIS B 59 0.41 41.29 12.59
N ARG B 60 -0.54 42.18 12.31
CA ARG B 60 -0.74 43.41 13.07
C ARG B 60 -1.18 43.11 14.49
N LEU B 61 -2.12 42.18 14.62
CA LEU B 61 -2.65 41.79 15.93
C LEU B 61 -1.61 41.18 16.88
N LEU B 62 -0.56 40.58 16.33
CA LEU B 62 0.49 39.97 17.14
C LEU B 62 1.75 40.84 17.14
N GLY B 63 1.66 42.04 16.59
CA GLY B 63 2.82 42.91 16.55
C GLY B 63 4.04 42.09 16.17
N ALA B 64 3.81 41.09 15.31
CA ALA B 64 4.86 40.18 14.83
C ALA B 64 6.09 40.90 14.28
N PRO B 65 7.27 40.58 14.81
CA PRO B 65 8.53 41.18 14.37
C PRO B 65 9.08 40.49 13.12
N LEU B 66 8.18 40.00 12.30
CA LEU B 66 8.55 39.30 11.08
C LEU B 66 8.01 40.03 9.85
N LYS B 67 8.84 40.18 8.82
CA LYS B 67 8.42 40.84 7.59
C LYS B 67 7.19 40.13 7.03
N LEU B 68 6.25 40.91 6.51
CA LEU B 68 5.00 40.39 5.96
C LEU B 68 5.20 39.52 4.73
N GLU B 69 6.02 39.98 3.80
CA GLU B 69 6.28 39.25 2.57
C GLU B 69 6.81 37.85 2.86
N ASP B 70 7.44 37.69 4.02
CA ASP B 70 8.00 36.39 4.42
C ASP B 70 7.08 35.58 5.33
N SER B 71 5.89 36.10 5.63
CA SER B 71 4.98 35.41 6.53
C SER B 71 4.24 34.25 5.88
N ALA B 72 3.67 33.40 6.73
CA ALA B 72 2.91 32.25 6.29
C ALA B 72 2.04 31.77 7.46
N LEU B 73 0.91 31.16 7.13
CA LEU B 73 0.00 30.64 8.14
C LEU B 73 0.13 29.12 8.24
N GLN B 74 0.12 28.60 9.45
CA GLN B 74 0.24 27.17 9.68
C GLN B 74 -0.70 26.73 10.79
N VAL B 75 -1.59 25.77 10.48
CA VAL B 75 -2.54 25.26 11.46
C VAL B 75 -1.79 24.58 12.61
N SER B 76 -2.45 24.44 13.77
CA SER B 76 -1.82 23.85 14.96
C SER B 76 -1.69 22.33 14.96
N PRO B 77 -2.81 21.61 14.79
CA PRO B 77 -2.68 20.14 14.80
C PRO B 77 -1.99 19.63 13.53
N SER B 78 -2.72 19.71 12.42
CA SER B 78 -2.23 19.25 11.11
C SER B 78 -0.85 19.73 10.68
N GLY B 79 -0.43 20.91 11.16
CA GLY B 79 0.86 21.44 10.77
C GLY B 79 0.82 21.82 9.29
N TYR B 80 -0.38 21.76 8.74
CA TYR B 80 -0.66 22.07 7.35
C TYR B 80 -0.44 23.55 7.06
N TYR B 81 0.14 23.85 5.91
CA TYR B 81 0.39 25.23 5.50
C TYR B 81 -0.67 25.69 4.49
N LEU B 82 -1.53 26.60 4.93
CA LEU B 82 -2.61 27.13 4.11
C LEU B 82 -2.10 27.89 2.89
N ASP B 83 -2.86 27.83 1.80
CA ASP B 83 -2.48 28.56 0.60
C ASP B 83 -3.05 29.96 0.77
N THR B 84 -2.24 30.88 1.26
CA THR B 84 -2.66 32.26 1.50
C THR B 84 -3.29 32.89 0.27
N GLU B 85 -3.27 32.19 -0.84
CA GLU B 85 -3.83 32.70 -2.08
C GLU B 85 -5.31 32.39 -2.19
N LEU B 86 -5.73 31.30 -1.55
CA LEU B 86 -7.12 30.88 -1.58
C LEU B 86 -7.84 31.13 -0.27
N SER B 87 -9.17 31.21 -0.35
CA SER B 87 -10.00 31.40 0.83
C SER B 87 -9.95 30.10 1.63
N LEU B 88 -10.58 30.08 2.79
CA LEU B 88 -10.59 28.87 3.61
C LEU B 88 -11.52 27.81 3.04
N GLU B 89 -12.71 28.22 2.61
CA GLU B 89 -13.67 27.29 2.04
C GLU B 89 -13.18 26.66 0.73
N GLU B 90 -12.29 27.37 0.04
CA GLU B 90 -11.73 26.88 -1.22
C GLU B 90 -10.69 25.78 -1.02
N GLN B 91 -10.52 25.35 0.23
CA GLN B 91 -9.56 24.31 0.54
C GLN B 91 -9.98 23.55 1.79
N ARG B 92 -11.22 23.07 1.79
CA ARG B 92 -11.75 22.34 2.94
C ARG B 92 -11.42 20.84 2.84
N PRO B 108 -10.36 27.06 17.34
CA PRO B 108 -9.16 26.41 16.78
C PRO B 108 -7.86 27.17 17.02
N THR B 109 -6.95 27.11 16.05
CA THR B 109 -5.66 27.78 16.16
C THR B 109 -4.92 27.96 14.83
N LEU B 110 -4.01 28.94 14.79
CA LEU B 110 -3.21 29.26 13.61
C LEU B 110 -1.90 29.88 14.06
N ILE B 111 -0.79 29.45 13.46
CA ILE B 111 0.51 29.98 13.83
C ILE B 111 1.14 30.78 12.69
N LEU B 112 1.65 31.97 13.02
CA LEU B 112 2.30 32.82 12.03
C LEU B 112 3.80 32.58 12.12
N ARG B 113 4.42 32.34 10.97
CA ARG B 113 5.86 32.05 10.94
C ARG B 113 6.41 32.28 9.54
N THR B 114 7.74 32.26 9.43
CA THR B 114 8.41 32.44 8.14
C THR B 114 7.99 31.36 7.15
N GLN B 115 8.07 31.69 5.86
CA GLN B 115 7.68 30.75 4.82
C GLN B 115 8.78 29.73 4.58
N LEU B 116 8.36 28.55 4.15
CA LEU B 116 9.26 27.45 3.88
C LEU B 116 10.38 27.93 2.96
N SER B 117 10.00 28.61 1.89
CA SER B 117 10.97 29.12 0.92
C SER B 117 12.00 30.05 1.54
N VAL B 118 11.54 31.04 2.30
CA VAL B 118 12.47 31.97 2.91
C VAL B 118 13.43 31.24 3.84
N ARG B 119 12.92 30.23 4.54
CA ARG B 119 13.76 29.44 5.45
C ARG B 119 14.81 28.65 4.67
N VAL B 120 14.38 28.09 3.54
CA VAL B 120 15.29 27.32 2.71
C VAL B 120 16.38 28.23 2.14
N ASN B 121 16.01 29.45 1.76
CA ASN B 121 17.00 30.37 1.22
C ASN B 121 18.07 30.68 2.24
N ALA B 122 17.69 30.78 3.50
CA ALA B 122 18.67 31.06 4.56
C ALA B 122 19.65 29.90 4.69
N ILE B 123 19.13 28.68 4.68
CA ILE B 123 19.98 27.50 4.77
C ILE B 123 21.04 27.55 3.67
N LEU B 124 20.59 27.74 2.44
CA LEU B 124 21.50 27.81 1.31
C LEU B 124 22.51 28.93 1.45
N GLU B 125 22.03 30.10 1.86
CA GLU B 125 22.91 31.24 2.04
C GLU B 125 23.98 30.85 3.06
N LYS B 126 23.56 30.21 4.15
CA LYS B 126 24.50 29.81 5.19
C LYS B 126 25.55 28.83 4.71
N LEU B 127 25.10 27.76 4.05
CA LEU B 127 26.04 26.75 3.56
C LEU B 127 27.02 27.27 2.52
N TYR B 128 26.57 28.18 1.67
CA TYR B 128 27.43 28.75 0.64
C TYR B 128 28.40 29.82 1.12
N SER B 129 28.06 30.51 2.20
CA SER B 129 28.91 31.59 2.72
C SER B 129 29.77 31.26 3.92
N SER B 130 29.41 30.23 4.67
CA SER B 130 30.14 29.86 5.87
C SER B 130 31.38 29.03 5.62
N SER B 131 32.21 28.90 6.65
CA SER B 131 33.43 28.12 6.56
C SER B 131 33.87 27.75 7.97
N GLY B 132 34.82 26.81 8.07
CA GLY B 132 35.32 26.39 9.36
C GLY B 132 34.25 25.84 10.30
N PRO B 133 34.48 25.94 11.62
CA PRO B 133 33.53 25.45 12.63
C PRO B 133 32.11 25.86 12.31
N GLU B 134 31.96 27.06 11.74
CA GLU B 134 30.64 27.57 11.39
C GLU B 134 29.95 26.66 10.37
N LEU B 135 30.71 26.22 9.35
CA LEU B 135 30.15 25.35 8.33
C LEU B 135 29.80 23.99 8.93
N ARG B 136 30.71 23.47 9.74
CA ARG B 136 30.52 22.18 10.39
C ARG B 136 29.23 22.13 11.20
N ARG B 137 28.98 23.18 11.97
CA ARG B 137 27.79 23.24 12.80
C ARG B 137 26.54 23.24 11.93
N SER B 138 26.56 24.06 10.89
CA SER B 138 25.41 24.16 10.00
C SER B 138 25.17 22.83 9.29
N LEU B 139 26.24 22.24 8.79
CA LEU B 139 26.13 20.96 8.10
C LEU B 139 25.53 19.93 9.07
N PHE B 140 26.06 19.90 10.29
CA PHE B 140 25.58 18.97 11.31
C PHE B 140 24.11 19.13 11.61
N SER B 141 23.64 20.38 11.62
CA SER B 141 22.25 20.68 11.91
C SER B 141 21.25 20.28 10.84
N LEU B 142 21.71 20.18 9.60
CA LEU B 142 20.83 19.82 8.50
C LEU B 142 19.92 18.64 8.81
N LYS B 143 20.48 17.58 9.38
CA LYS B 143 19.66 16.42 9.71
C LYS B 143 18.48 16.85 10.56
N GLN B 144 18.76 17.45 11.70
CA GLN B 144 17.72 17.90 12.62
C GLN B 144 16.74 18.85 11.95
N ILE B 145 17.25 19.78 11.16
CA ILE B 145 16.41 20.76 10.47
C ILE B 145 15.34 20.09 9.60
N PHE B 146 15.76 19.12 8.81
CA PHE B 146 14.84 18.40 7.94
C PHE B 146 14.02 17.41 8.75
N GLN B 147 14.48 17.14 9.95
CA GLN B 147 13.80 16.21 10.84
C GLN B 147 12.65 16.96 11.52
N GLU B 148 12.90 18.20 11.93
CA GLU B 148 11.90 19.01 12.61
C GLU B 148 10.89 19.75 11.74
N ASP B 149 10.96 19.56 10.43
CA ASP B 149 10.01 20.18 9.52
C ASP B 149 10.22 19.63 8.12
N LYS B 150 9.58 18.51 7.83
CA LYS B 150 9.72 17.87 6.53
C LYS B 150 9.27 18.71 5.35
N ASP B 151 8.41 19.68 5.60
CA ASP B 151 7.91 20.54 4.53
C ASP B 151 9.04 21.31 3.85
N LEU B 152 10.19 21.39 4.49
CA LEU B 152 11.35 22.10 3.92
C LEU B 152 12.07 21.27 2.85
N VAL B 153 11.75 19.98 2.77
CA VAL B 153 12.41 19.09 1.80
C VAL B 153 12.09 19.41 0.35
N PRO B 154 10.81 19.37 -0.02
CA PRO B 154 10.50 19.68 -1.42
C PRO B 154 11.01 21.07 -1.84
N GLU B 155 11.01 22.02 -0.91
CA GLU B 155 11.48 23.37 -1.18
C GLU B 155 12.99 23.38 -1.34
N PHE B 156 13.66 22.60 -0.51
CA PHE B 156 15.10 22.49 -0.56
C PHE B 156 15.50 21.86 -1.90
N VAL B 157 14.70 20.90 -2.33
CA VAL B 157 14.92 20.19 -3.59
C VAL B 157 14.64 21.12 -4.78
N HIS B 158 13.47 21.73 -4.76
CA HIS B 158 13.00 22.66 -5.80
C HIS B 158 13.92 23.86 -5.92
N SER B 159 14.62 24.18 -4.83
CA SER B 159 15.55 25.31 -4.80
C SER B 159 16.96 24.87 -5.07
N GLU B 160 17.09 23.65 -5.60
CA GLU B 160 18.38 23.10 -5.96
C GLU B 160 19.35 23.02 -4.78
N GLY B 161 18.89 22.48 -3.67
CA GLY B 161 19.75 22.36 -2.50
C GLY B 161 20.72 21.21 -2.63
N LEU B 162 20.36 20.18 -3.39
CA LEU B 162 21.24 19.03 -3.55
C LEU B 162 22.54 19.44 -4.21
N SER B 163 22.48 20.44 -5.09
CA SER B 163 23.70 20.89 -5.77
C SER B 163 24.57 21.58 -4.75
N CYS B 164 23.92 22.28 -3.83
CA CYS B 164 24.61 22.97 -2.77
C CYS B 164 25.35 21.94 -1.91
N LEU B 165 24.63 20.89 -1.51
CA LEU B 165 25.24 19.87 -0.67
C LEU B 165 26.48 19.28 -1.31
N ILE B 166 26.44 19.09 -2.63
CA ILE B 166 27.60 18.55 -3.33
C ILE B 166 28.69 19.58 -3.57
N ARG B 167 28.32 20.79 -4.00
CA ARG B 167 29.33 21.81 -4.23
C ARG B 167 30.07 22.08 -2.92
N VAL B 168 29.41 21.80 -1.80
CA VAL B 168 30.00 22.00 -0.48
C VAL B 168 30.74 20.76 0.04
N GLY B 169 30.18 19.57 -0.18
CA GLY B 169 30.82 18.37 0.31
C GLY B 169 31.94 17.80 -0.54
N ALA B 170 31.97 18.18 -1.81
CA ALA B 170 32.98 17.70 -2.73
C ALA B 170 34.35 17.48 -2.10
N ALA B 171 35.08 18.56 -1.82
CA ALA B 171 36.41 18.43 -1.22
C ALA B 171 36.44 18.71 0.28
N ALA B 172 35.34 18.49 0.96
CA ALA B 172 35.29 18.70 2.40
C ALA B 172 35.91 17.47 3.04
N ASP B 173 36.56 17.60 4.19
CA ASP B 173 37.13 16.41 4.77
C ASP B 173 36.04 15.56 5.43
N HIS B 174 36.34 14.27 5.54
CA HIS B 174 35.46 13.24 6.10
C HIS B 174 34.31 13.62 7.02
N ASN B 175 34.60 14.32 8.11
CA ASN B 175 33.54 14.71 9.03
C ASN B 175 32.41 15.49 8.35
N TYR B 176 32.77 16.52 7.56
CA TYR B 176 31.78 17.33 6.86
C TYR B 176 31.00 16.49 5.87
N GLN B 177 31.70 15.57 5.20
CA GLN B 177 31.05 14.72 4.23
C GLN B 177 30.05 13.83 4.96
N SER B 178 30.45 13.38 6.14
CA SER B 178 29.58 12.51 6.91
C SER B 178 28.30 13.21 7.33
N TYR B 179 28.38 14.47 7.75
CA TYR B 179 27.17 15.18 8.16
C TYR B 179 26.28 15.35 6.93
N ILE B 180 26.91 15.59 5.79
CA ILE B 180 26.17 15.77 4.55
C ILE B 180 25.43 14.49 4.16
N LEU B 181 26.08 13.34 4.32
CA LEU B 181 25.44 12.08 4.00
C LEU B 181 24.31 11.81 4.99
N ARG B 182 24.50 12.22 6.24
CA ARG B 182 23.44 12.02 7.24
C ARG B 182 22.23 12.85 6.83
N ALA B 183 22.44 14.11 6.47
CA ALA B 183 21.32 14.95 6.04
C ALA B 183 20.69 14.38 4.77
N LEU B 184 21.51 13.83 3.88
CA LEU B 184 21.00 13.24 2.65
C LEU B 184 20.11 12.06 3.01
N GLY B 185 20.58 11.26 3.95
CA GLY B 185 19.83 10.09 4.38
C GLY B 185 18.48 10.51 4.94
N GLN B 186 18.46 11.63 5.65
CA GLN B 186 17.22 12.12 6.24
C GLN B 186 16.26 12.55 5.13
N LEU B 187 16.79 13.23 4.12
CA LEU B 187 15.98 13.68 2.97
C LEU B 187 15.35 12.50 2.25
N MET B 188 16.14 11.46 2.01
CA MET B 188 15.65 10.30 1.31
C MET B 188 14.53 9.55 2.02
N LEU B 189 14.41 9.74 3.34
CA LEU B 189 13.33 9.07 4.05
C LEU B 189 12.00 9.63 3.58
N PHE B 190 12.03 10.82 2.98
CA PHE B 190 10.83 11.47 2.48
C PHE B 190 10.70 11.26 0.97
N VAL B 191 9.47 11.02 0.53
CA VAL B 191 9.21 10.80 -0.89
C VAL B 191 9.78 11.91 -1.76
N ASP B 192 9.41 13.14 -1.43
CA ASP B 192 9.88 14.30 -2.18
C ASP B 192 11.39 14.35 -2.19
N GLY B 193 12.00 13.89 -1.12
CA GLY B 193 13.45 13.89 -1.03
C GLY B 193 14.01 12.87 -2.01
N MET B 194 13.47 11.64 -1.92
CA MET B 194 13.89 10.56 -2.81
C MET B 194 13.80 11.05 -4.25
N LEU B 195 12.61 11.49 -4.65
CA LEU B 195 12.41 12.00 -5.99
C LEU B 195 13.42 13.10 -6.30
N GLY B 196 13.77 13.87 -5.28
CA GLY B 196 14.76 14.91 -5.50
C GLY B 196 16.03 14.22 -5.98
N VAL B 197 16.49 13.25 -5.19
CA VAL B 197 17.71 12.50 -5.50
C VAL B 197 17.60 11.76 -6.84
N VAL B 198 16.43 11.17 -7.11
CA VAL B 198 16.21 10.45 -8.37
C VAL B 198 16.46 11.37 -9.57
N ALA B 199 16.16 12.65 -9.41
CA ALA B 199 16.33 13.62 -10.50
C ALA B 199 17.68 14.32 -10.46
N HIS B 200 18.55 13.90 -9.56
CA HIS B 200 19.85 14.54 -9.42
C HIS B 200 21.01 13.54 -9.56
N SER B 201 21.47 13.38 -10.79
CA SER B 201 22.56 12.44 -11.08
C SER B 201 23.84 12.76 -10.34
N ASP B 202 24.11 14.04 -10.14
CA ASP B 202 25.33 14.41 -9.43
C ASP B 202 25.36 13.85 -8.01
N THR B 203 24.20 13.72 -7.39
CA THR B 203 24.18 13.20 -6.05
C THR B 203 24.59 11.72 -6.10
N ILE B 204 24.00 10.97 -7.01
CA ILE B 204 24.33 9.55 -7.10
C ILE B 204 25.79 9.40 -7.55
N GLN B 205 26.26 10.33 -8.35
CA GLN B 205 27.64 10.29 -8.80
C GLN B 205 28.55 10.48 -7.62
N TRP B 206 28.20 11.43 -6.76
CA TRP B 206 28.99 11.71 -5.56
C TRP B 206 29.08 10.48 -4.66
N LEU B 207 27.94 9.82 -4.44
CA LEU B 207 27.90 8.64 -3.60
C LEU B 207 28.87 7.58 -4.12
N TYR B 208 28.72 7.21 -5.40
CA TYR B 208 29.62 6.24 -5.97
C TYR B 208 31.07 6.66 -5.76
N THR B 209 31.35 7.94 -5.97
CA THR B 209 32.70 8.46 -5.79
C THR B 209 33.16 8.27 -4.35
N LEU B 210 32.26 8.49 -3.40
CA LEU B 210 32.59 8.34 -1.99
C LEU B 210 32.96 6.92 -1.61
N CYS B 211 32.68 5.96 -2.49
CA CYS B 211 33.02 4.58 -2.18
C CYS B 211 34.53 4.34 -2.25
N ALA B 212 35.26 5.31 -2.80
CA ALA B 212 36.70 5.20 -2.90
C ALA B 212 37.32 6.05 -1.80
N SER B 213 36.49 6.46 -0.85
CA SER B 213 36.95 7.29 0.26
C SER B 213 37.93 6.56 1.19
N LEU B 214 38.87 7.30 1.74
CA LEU B 214 39.85 6.75 2.67
C LEU B 214 39.22 6.50 4.03
N SER B 215 38.06 7.12 4.28
CA SER B 215 37.35 6.97 5.54
C SER B 215 36.28 5.87 5.48
N ARG B 216 36.49 4.80 6.22
CA ARG B 216 35.53 3.69 6.23
C ARG B 216 34.12 4.19 6.54
N LEU B 217 34.00 5.10 7.50
CA LEU B 217 32.70 5.65 7.88
C LEU B 217 31.90 6.18 6.68
N VAL B 218 32.59 6.96 5.85
CA VAL B 218 31.97 7.55 4.66
C VAL B 218 31.65 6.48 3.61
N VAL B 219 32.56 5.54 3.41
CA VAL B 219 32.36 4.46 2.44
C VAL B 219 31.12 3.65 2.80
N LYS B 220 31.02 3.29 4.06
CA LYS B 220 29.89 2.51 4.53
C LYS B 220 28.60 3.29 4.38
N THR B 221 28.60 4.56 4.78
CA THR B 221 27.40 5.36 4.68
C THR B 221 26.97 5.46 3.22
N ALA B 222 27.92 5.75 2.34
CA ALA B 222 27.63 5.87 0.91
C ALA B 222 26.98 4.60 0.40
N LEU B 223 27.63 3.47 0.69
CA LEU B 223 27.12 2.17 0.27
C LEU B 223 25.67 1.93 0.67
N LYS B 224 25.36 2.10 1.94
CA LYS B 224 24.00 1.91 2.45
C LYS B 224 22.99 2.90 1.85
N LEU B 225 23.45 4.09 1.51
CA LEU B 225 22.56 5.09 0.92
C LEU B 225 22.25 4.65 -0.51
N LEU B 226 23.23 4.06 -1.19
CA LEU B 226 22.99 3.56 -2.55
C LEU B 226 22.03 2.37 -2.54
N LEU B 227 22.07 1.56 -1.47
CA LEU B 227 21.16 0.41 -1.36
C LEU B 227 19.74 0.93 -1.20
N VAL B 228 19.57 1.97 -0.39
CA VAL B 228 18.25 2.55 -0.19
C VAL B 228 17.78 3.05 -1.55
N PHE B 229 18.68 3.74 -2.25
CA PHE B 229 18.36 4.28 -3.57
C PHE B 229 17.84 3.24 -4.55
N VAL B 230 18.64 2.21 -4.80
CA VAL B 230 18.25 1.16 -5.74
C VAL B 230 17.06 0.33 -5.26
N GLU B 231 17.01 0.06 -3.96
CA GLU B 231 15.92 -0.72 -3.39
C GLU B 231 14.58 0.02 -3.45
N TYR B 232 14.64 1.35 -3.53
CA TYR B 232 13.42 2.15 -3.56
C TYR B 232 12.57 1.91 -4.80
N SER B 233 13.22 1.77 -5.96
CA SER B 233 12.47 1.56 -7.19
C SER B 233 13.34 0.89 -8.24
N GLU B 234 12.76 0.00 -9.04
CA GLU B 234 13.54 -0.69 -10.06
C GLU B 234 14.06 0.28 -11.11
N ASN B 235 13.42 1.45 -11.20
CA ASN B 235 13.83 2.44 -12.19
C ASN B 235 15.07 3.21 -11.77
N ASN B 236 15.52 3.03 -10.54
CA ASN B 236 16.72 3.72 -10.11
C ASN B 236 17.95 2.90 -10.46
N ALA B 237 17.76 1.59 -10.69
CA ALA B 237 18.89 0.74 -11.04
C ALA B 237 19.66 1.37 -12.21
N PRO B 238 18.97 1.68 -13.32
CA PRO B 238 19.63 2.28 -14.49
C PRO B 238 20.28 3.64 -14.20
N LEU B 239 19.70 4.38 -13.25
CA LEU B 239 20.24 5.69 -12.88
C LEU B 239 21.53 5.50 -12.09
N PHE B 240 21.57 4.47 -11.26
CA PHE B 240 22.78 4.20 -10.50
C PHE B 240 23.83 3.80 -11.54
N ILE B 241 23.46 2.88 -12.43
CA ILE B 241 24.41 2.43 -13.47
C ILE B 241 24.93 3.62 -14.29
N ARG B 242 24.04 4.50 -14.72
CA ARG B 242 24.48 5.65 -15.51
C ARG B 242 25.44 6.52 -14.70
N ALA B 243 25.18 6.61 -13.40
CA ALA B 243 25.99 7.38 -12.47
C ALA B 243 27.41 6.84 -12.46
N VAL B 244 27.51 5.51 -12.35
CA VAL B 244 28.82 4.86 -12.36
C VAL B 244 29.53 5.05 -13.70
N ASN B 245 28.82 4.88 -14.80
CA ASN B 245 29.47 5.05 -16.09
C ASN B 245 29.92 6.49 -16.24
N SER B 246 29.15 7.41 -15.67
CA SER B 246 29.48 8.82 -15.77
C SER B 246 30.76 9.16 -14.98
N VAL B 247 30.90 8.62 -13.78
CA VAL B 247 32.12 8.90 -13.02
C VAL B 247 33.30 8.27 -13.79
N ALA B 248 33.15 7.03 -14.24
CA ALA B 248 34.24 6.38 -14.98
C ALA B 248 34.69 7.26 -16.15
N SER B 249 33.72 7.89 -16.80
CA SER B 249 34.00 8.76 -17.92
C SER B 249 34.79 9.99 -17.50
N THR B 250 34.43 10.57 -16.35
CA THR B 250 35.09 11.76 -15.87
C THR B 250 36.49 11.53 -15.35
N THR B 251 36.69 10.46 -14.59
CA THR B 251 37.99 10.16 -14.02
C THR B 251 38.87 9.31 -14.90
N GLY B 252 38.27 8.70 -15.93
CA GLY B 252 39.04 7.86 -16.81
C GLY B 252 39.18 6.45 -16.26
N ALA B 253 38.67 6.23 -15.05
CA ALA B 253 38.72 4.92 -14.39
C ALA B 253 37.65 3.99 -14.95
N PRO B 254 37.90 2.69 -14.94
CA PRO B 254 36.88 1.78 -15.48
C PRO B 254 35.64 1.73 -14.59
N PRO B 255 34.46 1.67 -15.21
CA PRO B 255 33.22 1.61 -14.42
C PRO B 255 33.24 0.48 -13.39
N TRP B 256 32.69 0.75 -12.21
CA TRP B 256 32.61 -0.22 -11.12
C TRP B 256 33.91 -0.45 -10.37
N ALA B 257 34.96 0.27 -10.74
CA ALA B 257 36.24 0.11 -10.08
C ALA B 257 36.17 0.44 -8.57
N ASN B 258 35.30 1.36 -8.20
CA ASN B 258 35.17 1.68 -6.79
C ASN B 258 34.58 0.53 -5.97
N LEU B 259 33.68 -0.26 -6.58
CA LEU B 259 33.06 -1.36 -5.86
C LEU B 259 33.94 -2.60 -5.86
N VAL B 260 34.63 -2.85 -6.96
CA VAL B 260 35.51 -4.02 -7.05
C VAL B 260 36.67 -3.86 -6.07
N SER B 261 37.22 -2.65 -6.02
CA SER B 261 38.34 -2.31 -5.14
C SER B 261 37.99 -2.74 -3.72
N ILE B 262 36.78 -2.40 -3.28
CA ILE B 262 36.30 -2.76 -1.95
C ILE B 262 36.27 -4.27 -1.77
N LEU B 263 35.91 -4.99 -2.83
CA LEU B 263 35.83 -6.46 -2.77
C LEU B 263 37.19 -7.17 -2.70
N GLU B 264 38.25 -6.42 -2.92
CA GLU B 264 39.59 -6.99 -2.89
C GLU B 264 40.20 -6.92 -1.49
N GLU B 265 39.68 -6.02 -0.66
CA GLU B 265 40.16 -5.84 0.70
C GLU B 265 41.64 -5.47 0.73
N LYS B 266 41.94 -4.18 0.59
CA LYS B 266 43.31 -3.70 0.58
C LYS B 266 43.81 -3.31 1.96
N ASN B 267 42.94 -3.41 2.97
CA ASN B 267 43.30 -3.04 4.34
C ASN B 267 42.91 -4.09 5.38
N GLY B 268 42.43 -5.24 4.93
CA GLY B 268 42.05 -6.28 5.87
C GLY B 268 40.66 -6.83 5.60
N ALA B 269 40.25 -7.80 6.42
CA ALA B 269 38.94 -8.42 6.27
C ALA B 269 37.85 -7.49 6.80
N ASP B 270 37.02 -6.99 5.90
CA ASP B 270 35.94 -6.10 6.27
C ASP B 270 34.63 -6.63 5.73
N PRO B 271 34.17 -7.78 6.24
CA PRO B 271 32.93 -8.41 5.79
C PRO B 271 31.73 -7.47 5.65
N GLU B 272 31.58 -6.55 6.58
CA GLU B 272 30.45 -5.62 6.55
C GLU B 272 30.26 -4.88 5.22
N LEU B 273 31.34 -4.28 4.72
CA LEU B 273 31.31 -3.54 3.47
C LEU B 273 31.12 -4.47 2.26
N LEU B 274 31.80 -5.61 2.27
CA LEU B 274 31.70 -6.55 1.17
C LEU B 274 30.25 -7.00 0.99
N VAL B 275 29.57 -7.25 2.10
CA VAL B 275 28.18 -7.67 2.03
C VAL B 275 27.30 -6.58 1.43
N TYR B 276 27.58 -5.32 1.77
CA TYR B 276 26.78 -4.21 1.25
C TYR B 276 27.06 -4.11 -0.24
N THR B 277 28.34 -4.18 -0.58
CA THR B 277 28.77 -4.06 -1.96
C THR B 277 28.17 -5.13 -2.86
N VAL B 278 28.29 -6.39 -2.47
CA VAL B 278 27.74 -7.47 -3.29
C VAL B 278 26.21 -7.35 -3.34
N THR B 279 25.58 -7.06 -2.21
CA THR B 279 24.11 -6.89 -2.20
C THR B 279 23.71 -5.78 -3.19
N LEU B 280 24.47 -4.69 -3.18
CA LEU B 280 24.25 -3.51 -4.05
C LEU B 280 24.33 -3.90 -5.54
N ILE B 281 25.35 -4.67 -5.89
CA ILE B 281 25.50 -5.12 -7.27
C ILE B 281 24.35 -6.08 -7.65
N ASN B 282 24.03 -7.06 -6.79
CA ASN B 282 22.95 -8.01 -7.07
C ASN B 282 21.60 -7.29 -7.25
N LYS B 283 21.30 -6.30 -6.40
CA LYS B 283 20.03 -5.56 -6.47
C LYS B 283 19.89 -4.76 -7.74
N THR B 284 20.99 -4.15 -8.16
CA THR B 284 21.00 -3.35 -9.37
C THR B 284 20.77 -4.28 -10.55
N LEU B 285 21.51 -5.39 -10.57
CA LEU B 285 21.38 -6.36 -11.65
C LEU B 285 19.98 -6.99 -11.69
N ALA B 286 19.38 -7.24 -10.53
CA ALA B 286 18.05 -7.84 -10.53
C ALA B 286 16.95 -6.90 -11.04
N ALA B 287 17.22 -5.61 -11.10
CA ALA B 287 16.20 -4.66 -11.56
C ALA B 287 16.24 -4.43 -13.05
N LEU B 288 17.23 -4.99 -13.73
CA LEU B 288 17.36 -4.77 -15.18
C LEU B 288 16.43 -5.66 -16.01
N PRO B 289 15.67 -5.04 -16.94
CA PRO B 289 14.72 -5.73 -17.82
C PRO B 289 15.32 -6.42 -19.03
N ASP B 290 16.47 -5.93 -19.50
CA ASP B 290 17.10 -6.55 -20.67
C ASP B 290 18.48 -7.12 -20.36
N GLN B 291 18.71 -8.31 -20.89
CA GLN B 291 19.94 -9.06 -20.72
C GLN B 291 21.17 -8.25 -21.11
N ASP B 292 21.03 -7.42 -22.14
CA ASP B 292 22.14 -6.61 -22.62
C ASP B 292 22.63 -5.63 -21.56
N SER B 293 21.70 -5.09 -20.75
CA SER B 293 22.07 -4.16 -19.71
C SER B 293 22.74 -4.94 -18.60
N PHE B 294 22.19 -6.11 -18.31
CA PHE B 294 22.73 -6.98 -17.29
C PHE B 294 24.17 -7.29 -17.64
N TYR B 295 24.40 -7.65 -18.91
CA TYR B 295 25.73 -7.99 -19.36
C TYR B 295 26.71 -6.83 -19.47
N ASP B 296 26.21 -5.63 -19.73
CA ASP B 296 27.08 -4.47 -19.82
C ASP B 296 27.75 -4.30 -18.46
N VAL B 297 27.03 -4.62 -17.40
CA VAL B 297 27.60 -4.49 -16.07
C VAL B 297 28.47 -5.69 -15.67
N THR B 298 27.94 -6.91 -15.81
CA THR B 298 28.69 -8.10 -15.42
C THR B 298 30.01 -8.22 -16.17
N ASP B 299 30.00 -7.88 -17.46
CA ASP B 299 31.24 -7.92 -18.24
C ASP B 299 32.26 -6.92 -17.68
N ALA B 300 31.81 -5.71 -17.37
CA ALA B 300 32.72 -4.70 -16.83
C ALA B 300 33.33 -5.22 -15.53
N LEU B 301 32.52 -5.89 -14.72
CA LEU B 301 33.02 -6.44 -13.47
C LEU B 301 33.98 -7.59 -13.74
N GLU B 302 33.61 -8.45 -14.68
CA GLU B 302 34.44 -9.59 -15.01
C GLU B 302 35.82 -9.14 -15.48
N GLN B 303 35.88 -8.03 -16.21
CA GLN B 303 37.14 -7.49 -16.70
C GLN B 303 37.99 -6.86 -15.60
N GLN B 304 37.52 -6.89 -14.37
CA GLN B 304 38.30 -6.33 -13.27
C GLN B 304 38.59 -7.38 -12.22
N GLY B 305 38.29 -8.63 -12.53
CA GLY B 305 38.58 -9.71 -11.59
C GLY B 305 37.44 -10.27 -10.78
N MET B 306 36.22 -9.78 -11.01
CA MET B 306 35.07 -10.26 -10.26
C MET B 306 34.99 -11.79 -10.25
N GLU B 307 35.03 -12.42 -11.42
CA GLU B 307 34.96 -13.87 -11.50
C GLU B 307 35.97 -14.53 -10.54
N ALA B 308 37.19 -13.99 -10.53
CA ALA B 308 38.24 -14.51 -9.67
C ALA B 308 37.98 -14.23 -8.20
N LEU B 309 37.46 -13.04 -7.89
CA LEU B 309 37.18 -12.70 -6.48
C LEU B 309 36.07 -13.56 -5.93
N VAL B 310 35.08 -13.87 -6.77
CA VAL B 310 33.96 -14.71 -6.35
C VAL B 310 34.44 -16.16 -6.15
N GLN B 311 35.33 -16.61 -7.02
CA GLN B 311 35.86 -17.97 -6.91
C GLN B 311 36.60 -18.10 -5.58
N ARG B 312 37.49 -17.15 -5.31
CA ARG B 312 38.27 -17.12 -4.08
C ARG B 312 37.41 -17.18 -2.82
N HIS B 313 36.53 -16.20 -2.65
CA HIS B 313 35.66 -16.15 -1.46
C HIS B 313 34.81 -17.40 -1.32
N LEU B 314 34.27 -17.88 -2.43
CA LEU B 314 33.42 -19.07 -2.40
C LEU B 314 34.24 -20.36 -2.26
N GLY B 315 35.54 -20.26 -2.54
CA GLY B 315 36.40 -21.41 -2.41
C GLY B 315 37.03 -21.42 -1.03
N THR B 316 36.86 -20.32 -0.29
CA THR B 316 37.39 -20.18 1.04
C THR B 316 36.43 -20.67 2.11
N ALA B 317 36.84 -21.65 2.91
CA ALA B 317 35.97 -22.15 3.96
C ALA B 317 35.94 -21.11 5.08
N GLY B 318 34.76 -20.91 5.67
CA GLY B 318 34.65 -19.95 6.75
C GLY B 318 34.41 -18.53 6.30
N THR B 319 34.14 -18.32 5.01
CA THR B 319 33.87 -16.96 4.54
C THR B 319 32.60 -16.49 5.25
N ASP B 320 32.50 -15.19 5.47
CA ASP B 320 31.33 -14.63 6.15
C ASP B 320 30.04 -15.16 5.52
N VAL B 321 29.23 -15.83 6.33
CA VAL B 321 27.98 -16.43 5.87
C VAL B 321 27.09 -15.51 5.04
N ASP B 322 26.92 -14.27 5.49
CA ASP B 322 26.08 -13.34 4.74
C ASP B 322 26.73 -12.95 3.41
N LEU B 323 28.05 -12.95 3.37
CA LEU B 323 28.76 -12.62 2.14
C LEU B 323 28.62 -13.78 1.14
N ARG B 324 28.75 -15.01 1.63
CA ARG B 324 28.63 -16.18 0.78
C ARG B 324 27.24 -16.22 0.14
N THR B 325 26.21 -15.90 0.92
CA THR B 325 24.85 -15.89 0.38
C THR B 325 24.80 -14.99 -0.85
N GLN B 326 25.35 -13.78 -0.70
CA GLN B 326 25.35 -12.80 -1.79
C GLN B 326 26.16 -13.27 -2.99
N LEU B 327 27.33 -13.85 -2.72
CA LEU B 327 28.20 -14.32 -3.78
C LEU B 327 27.52 -15.44 -4.55
N VAL B 328 26.86 -16.33 -3.82
CA VAL B 328 26.17 -17.44 -4.46
C VAL B 328 25.07 -16.91 -5.37
N LEU B 329 24.31 -15.93 -4.88
CA LEU B 329 23.24 -15.33 -5.68
C LEU B 329 23.81 -14.69 -6.95
N TYR B 330 24.93 -13.98 -6.81
CA TYR B 330 25.59 -13.32 -7.94
C TYR B 330 25.95 -14.37 -8.98
N GLU B 331 26.66 -15.41 -8.53
CA GLU B 331 27.07 -16.48 -9.43
C GLU B 331 25.84 -17.13 -10.08
N ASN B 332 24.79 -17.34 -9.30
CA ASN B 332 23.59 -17.96 -9.86
C ASN B 332 22.87 -17.06 -10.86
N ALA B 333 22.87 -15.76 -10.61
CA ALA B 333 22.20 -14.86 -11.54
C ALA B 333 22.92 -14.91 -12.89
N LEU B 334 24.22 -15.20 -12.84
CA LEU B 334 25.03 -15.26 -14.05
C LEU B 334 24.76 -16.57 -14.80
N LYS B 335 24.57 -17.66 -14.07
CA LYS B 335 24.30 -18.94 -14.71
C LYS B 335 22.95 -19.00 -15.38
N LEU B 336 21.96 -18.27 -14.86
CA LEU B 336 20.63 -18.28 -15.48
C LEU B 336 20.64 -17.53 -16.80
N GLU B 337 21.42 -16.44 -16.86
CA GLU B 337 21.50 -15.66 -18.09
C GLU B 337 22.33 -16.37 -19.17
N ASP B 338 23.41 -17.03 -18.78
CA ASP B 338 24.25 -17.72 -19.77
C ASP B 338 23.55 -18.93 -20.40
N GLY B 339 22.68 -19.58 -19.65
CA GLY B 339 21.97 -20.73 -20.18
C GLY B 339 22.75 -22.04 -20.21
#